data_1ZPS
#
_entry.id   1ZPS
#
_cell.length_a   39.783
_cell.length_b   54.358
_cell.length_c   117.362
_cell.angle_alpha   90.00
_cell.angle_beta   90.00
_cell.angle_gamma   90.00
#
_symmetry.space_group_name_H-M   'P 21 21 21'
#
loop_
_entity.id
_entity.type
_entity.pdbx_description
1 polymer 'Phosphoribosyl-AMP cyclohydrolase'
2 non-polymer 'CADMIUM ION'
3 non-polymer 'ACETIC ACID'
4 water water
#
_entity_poly.entity_id   1
_entity_poly.type   'polypeptide(L)'
_entity_poly.pdbx_seq_one_letter_code
;MIKSKGDVNILLNFRHNINGEDLIIAVAQDHETGEVLMVAYMNREALRRTLETGTAHYWSTSRGKLWLKGESSGHVQRVK
DVLVDCDGDAVVLKVEQEGGACHTGYRSCFYRSIDGDELKVREDAVKVFDPEEIYGDG
;
_entity_poly.pdbx_strand_id   A,B
#
loop_
_chem_comp.id
_chem_comp.type
_chem_comp.name
_chem_comp.formula
ACY non-polymer 'ACETIC ACID' 'C2 H4 O2'
CD non-polymer 'CADMIUM ION' 'Cd 2'
#
# COMPACT_ATOMS: atom_id res chain seq x y z
N VAL A 8 7.03 20.51 2.99
CA VAL A 8 5.85 19.64 2.77
C VAL A 8 5.68 18.65 3.91
N ASN A 9 6.80 18.24 4.51
CA ASN A 9 6.79 17.29 5.62
C ASN A 9 5.82 17.75 6.70
N ILE A 10 5.70 19.07 6.86
CA ILE A 10 4.83 19.67 7.85
C ILE A 10 3.37 19.34 7.59
N LEU A 11 3.06 19.04 6.33
CA LEU A 11 1.69 18.72 5.92
C LEU A 11 1.31 17.26 6.09
N LEU A 12 2.30 16.41 6.35
CA LEU A 12 2.06 14.99 6.54
C LEU A 12 2.04 14.59 8.00
N ASN A 13 1.45 13.45 8.30
CA ASN A 13 1.34 12.95 9.66
C ASN A 13 2.10 11.65 9.90
N PHE A 14 3.34 11.77 10.35
CA PHE A 14 4.18 10.60 10.63
C PHE A 14 3.76 10.03 11.98
N ARG A 15 3.29 8.78 11.99
CA ARG A 15 2.86 8.16 13.23
C ARG A 15 2.94 6.64 13.25
N HIS A 16 3.39 6.04 12.16
CA HIS A 16 3.52 4.59 12.10
C HIS A 16 4.81 4.26 12.85
N ASN A 17 4.73 4.30 14.17
CA ASN A 17 5.87 4.04 15.05
C ASN A 17 6.32 2.59 15.09
N ILE A 18 7.57 2.37 14.69
CA ILE A 18 8.17 1.04 14.70
C ILE A 18 9.65 1.19 15.04
N ASN A 19 10.04 0.67 16.21
CA ASN A 19 11.42 0.75 16.68
C ASN A 19 11.78 2.18 17.06
N GLY A 20 10.75 2.98 17.39
CA GLY A 20 10.98 4.36 17.77
C GLY A 20 11.36 5.23 16.58
N GLU A 21 10.45 5.34 15.62
CA GLU A 21 10.70 6.15 14.43
C GLU A 21 9.40 6.51 13.73
N ASP A 22 9.02 7.80 13.79
CA ASP A 22 7.80 8.27 13.15
C ASP A 22 7.84 7.98 11.65
N LEU A 23 6.80 7.32 11.15
CA LEU A 23 6.78 6.94 9.74
C LEU A 23 5.43 7.04 9.04
N ILE A 24 5.49 7.01 7.71
CA ILE A 24 4.31 7.01 6.86
C ILE A 24 4.49 5.82 5.93
N ILE A 25 3.39 5.29 5.40
CA ILE A 25 3.48 4.17 4.48
C ILE A 25 3.52 4.69 3.05
N ALA A 26 4.45 4.17 2.27
CA ALA A 26 4.59 4.58 0.88
C ALA A 26 4.31 3.43 -0.07
N VAL A 27 3.44 3.68 -1.05
CA VAL A 27 3.09 2.68 -2.04
C VAL A 27 3.68 3.12 -3.38
N ALA A 28 4.64 2.36 -3.89
CA ALA A 28 5.26 2.68 -5.17
C ALA A 28 4.40 2.06 -6.27
N GLN A 29 3.86 2.90 -7.14
CA GLN A 29 3.00 2.43 -8.22
C GLN A 29 3.54 2.90 -9.58
N ASP A 30 3.57 1.98 -10.54
CA ASP A 30 4.04 2.30 -11.89
C ASP A 30 3.19 3.41 -12.47
N HIS A 31 3.82 4.54 -12.79
CA HIS A 31 3.12 5.69 -13.35
C HIS A 31 2.37 5.42 -14.65
N GLU A 32 2.78 4.39 -15.38
CA GLU A 32 2.14 4.08 -16.65
C GLU A 32 1.12 2.94 -16.62
N THR A 33 1.48 1.83 -16.00
CA THR A 33 0.60 0.67 -15.94
C THR A 33 -0.30 0.63 -14.71
N GLY A 34 0.07 1.37 -13.67
CA GLY A 34 -0.73 1.39 -12.46
C GLY A 34 -0.45 0.22 -11.53
N GLU A 35 0.46 -0.67 -11.92
CA GLU A 35 0.77 -1.81 -11.07
C GLU A 35 1.50 -1.38 -9.80
N VAL A 36 1.08 -1.94 -8.67
CA VAL A 36 1.71 -1.64 -7.40
C VAL A 36 3.02 -2.44 -7.40
N LEU A 37 4.14 -1.74 -7.29
CA LEU A 37 5.46 -2.36 -7.32
C LEU A 37 5.98 -2.83 -5.98
N MET A 38 5.66 -2.09 -4.92
CA MET A 38 6.12 -2.42 -3.58
C MET A 38 5.55 -1.45 -2.56
N VAL A 39 5.69 -1.82 -1.29
CA VAL A 39 5.25 -0.96 -0.20
C VAL A 39 6.39 -0.90 0.80
N ALA A 40 6.60 0.27 1.39
CA ALA A 40 7.67 0.46 2.36
C ALA A 40 7.41 1.71 3.16
N TYR A 41 8.10 1.85 4.29
CA TYR A 41 7.93 3.01 5.15
C TYR A 41 8.88 4.14 4.77
N MET A 42 8.55 5.35 5.22
CA MET A 42 9.37 6.52 4.99
C MET A 42 9.37 7.33 6.28
N ASN A 43 10.53 7.82 6.68
CA ASN A 43 10.61 8.65 7.87
C ASN A 43 10.69 10.06 7.28
N ARG A 44 10.72 11.08 8.12
CA ARG A 44 10.78 12.45 7.62
C ARG A 44 11.89 12.68 6.59
N GLU A 45 13.08 12.19 6.90
CA GLU A 45 14.23 12.35 6.01
C GLU A 45 14.03 11.63 4.67
N ALA A 46 13.54 10.40 4.73
CA ALA A 46 13.30 9.61 3.52
C ALA A 46 12.41 10.34 2.53
N LEU A 47 11.34 10.94 3.02
CA LEU A 47 10.43 11.68 2.15
C LEU A 47 11.10 12.98 1.70
N ARG A 48 11.75 13.64 2.65
CA ARG A 48 12.44 14.89 2.36
C ARG A 48 13.40 14.69 1.19
N ARG A 49 14.20 13.64 1.28
CA ARG A 49 15.17 13.34 0.22
C ARG A 49 14.51 12.91 -1.08
N THR A 50 13.36 12.23 -0.97
CA THR A 50 12.65 11.78 -2.16
C THR A 50 12.19 12.96 -3.00
N LEU A 51 11.63 13.97 -2.32
CA LEU A 51 11.15 15.17 -3.00
C LEU A 51 12.29 16.03 -3.55
N GLU A 52 13.43 16.01 -2.85
CA GLU A 52 14.60 16.79 -3.26
C GLU A 52 15.32 16.20 -4.47
N THR A 53 15.50 14.89 -4.47
CA THR A 53 16.20 14.21 -5.55
C THR A 53 15.31 13.69 -6.68
N GLY A 54 14.05 13.43 -6.36
CA GLY A 54 13.15 12.92 -7.37
C GLY A 54 13.30 11.42 -7.50
N THR A 55 14.03 10.82 -6.57
CA THR A 55 14.24 9.37 -6.55
C THR A 55 13.73 8.84 -5.22
N ALA A 56 13.03 7.71 -5.28
CA ALA A 56 12.46 7.10 -4.09
C ALA A 56 13.44 6.70 -3.00
N HIS A 57 13.27 7.29 -1.83
CA HIS A 57 14.08 7.01 -0.65
C HIS A 57 13.14 6.43 0.39
N TYR A 58 13.55 5.34 1.04
CA TYR A 58 12.72 4.72 2.06
C TYR A 58 13.48 4.57 3.35
N TRP A 59 12.78 4.12 4.38
CA TRP A 59 13.39 3.90 5.68
C TRP A 59 13.24 2.42 6.03
N SER A 60 14.37 1.75 6.19
CA SER A 60 14.36 0.33 6.53
C SER A 60 14.17 0.17 8.03
N THR A 61 13.04 -0.43 8.42
CA THR A 61 12.77 -0.63 9.85
C THR A 61 13.74 -1.66 10.41
N SER A 62 14.16 -2.60 9.56
CA SER A 62 15.08 -3.65 9.98
C SER A 62 16.51 -3.15 10.05
N ARG A 63 16.94 -2.41 9.03
CA ARG A 63 18.30 -1.87 8.98
C ARG A 63 18.41 -0.65 9.90
N GLY A 64 17.28 0.00 10.14
CA GLY A 64 17.27 1.19 10.98
C GLY A 64 18.05 2.32 10.33
N LYS A 65 17.97 2.41 9.01
CA LYS A 65 18.68 3.46 8.27
C LYS A 65 17.96 3.83 6.97
N LEU A 66 18.32 4.98 6.44
CA LEU A 66 17.73 5.48 5.19
C LEU A 66 18.10 4.50 4.08
N TRP A 67 17.27 4.46 3.04
CA TRP A 67 17.52 3.54 1.94
C TRP A 67 17.07 4.05 0.58
N LEU A 68 18.03 4.23 -0.33
CA LEU A 68 17.74 4.70 -1.68
C LEU A 68 17.48 3.49 -2.55
N LYS A 69 16.23 3.29 -2.97
CA LYS A 69 15.87 2.16 -3.79
C LYS A 69 16.74 2.09 -5.04
N GLY A 70 17.50 0.99 -5.16
CA GLY A 70 18.36 0.83 -6.32
C GLY A 70 19.75 1.42 -6.13
N GLU A 71 20.05 1.85 -4.92
CA GLU A 71 21.35 2.44 -4.63
C GLU A 71 22.48 1.45 -4.92
N SER A 72 22.13 0.17 -4.96
CA SER A 72 23.13 -0.88 -5.22
C SER A 72 22.91 -1.62 -6.54
N SER A 73 21.65 -1.84 -6.90
CA SER A 73 21.34 -2.54 -8.13
C SER A 73 21.17 -1.60 -9.32
N GLY A 74 21.00 -0.32 -9.04
CA GLY A 74 20.82 0.65 -10.11
C GLY A 74 19.36 0.70 -10.55
N HIS A 75 18.52 -0.05 -9.85
CA HIS A 75 17.09 -0.09 -10.16
C HIS A 75 16.38 1.00 -9.36
N VAL A 76 16.70 2.25 -9.66
CA VAL A 76 16.10 3.39 -8.98
C VAL A 76 14.68 3.64 -9.46
N GLN A 77 13.91 4.37 -8.64
CA GLN A 77 12.54 4.70 -8.98
C GLN A 77 12.41 6.21 -9.05
N ARG A 78 12.23 6.73 -10.26
CA ARG A 78 12.10 8.17 -10.45
C ARG A 78 10.65 8.55 -10.16
N VAL A 79 10.48 9.43 -9.18
CA VAL A 79 9.15 9.88 -8.76
C VAL A 79 8.56 10.93 -9.70
N LYS A 80 7.33 10.67 -10.17
CA LYS A 80 6.65 11.59 -11.08
C LYS A 80 5.55 12.36 -10.36
N ASP A 81 4.95 11.74 -9.34
CA ASP A 81 3.89 12.40 -8.60
C ASP A 81 3.73 11.72 -7.24
N VAL A 82 3.24 12.48 -6.27
CA VAL A 82 3.04 11.97 -4.92
C VAL A 82 1.62 12.25 -4.46
N LEU A 83 0.85 11.21 -4.19
CA LEU A 83 -0.52 11.36 -3.73
C LEU A 83 -0.54 11.17 -2.21
N VAL A 84 -1.40 11.91 -1.52
CA VAL A 84 -1.46 11.83 -0.06
C VAL A 84 -2.79 11.34 0.51
N ASP A 85 -2.71 10.51 1.54
CA ASP A 85 -3.87 9.93 2.22
C ASP A 85 -4.68 11.04 2.90
N CYS A 86 -5.96 10.77 3.15
CA CYS A 86 -6.85 11.75 3.77
C CYS A 86 -6.36 12.22 5.15
N ASP A 87 -5.66 11.35 5.87
CA ASP A 87 -5.15 11.70 7.19
C ASP A 87 -3.64 11.94 7.17
N GLY A 88 -3.10 12.03 5.95
CA GLY A 88 -1.68 12.31 5.76
C GLY A 88 -0.62 11.34 6.26
N ASP A 89 -0.99 10.10 6.56
CA ASP A 89 0.01 9.15 7.04
C ASP A 89 0.37 8.07 6.03
N ALA A 90 -0.02 8.28 4.78
CA ALA A 90 0.28 7.34 3.71
C ALA A 90 0.38 8.09 2.39
N VAL A 91 1.26 7.64 1.52
CA VAL A 91 1.42 8.29 0.23
C VAL A 91 1.56 7.27 -0.89
N VAL A 92 1.19 7.69 -2.09
CA VAL A 92 1.32 6.85 -3.26
C VAL A 92 2.36 7.51 -4.15
N LEU A 93 3.42 6.78 -4.46
CA LEU A 93 4.46 7.33 -5.32
C LEU A 93 4.28 6.81 -6.73
N LYS A 94 3.97 7.72 -7.66
CA LYS A 94 3.81 7.38 -9.06
C LYS A 94 5.25 7.38 -9.57
N VAL A 95 5.75 6.22 -9.99
CA VAL A 95 7.14 6.15 -10.41
C VAL A 95 7.44 5.47 -11.73
N GLU A 96 8.65 5.72 -12.22
CA GLU A 96 9.16 5.12 -13.43
C GLU A 96 10.23 4.18 -12.87
N GLN A 97 9.97 2.88 -12.94
CA GLN A 97 10.88 1.88 -12.40
C GLN A 97 11.94 1.37 -13.35
N GLU A 98 13.20 1.50 -12.97
CA GLU A 98 14.29 1.00 -13.79
C GLU A 98 14.51 -0.45 -13.36
N GLY A 99 14.54 -1.36 -14.32
CA GLY A 99 14.74 -2.76 -14.01
C GLY A 99 13.53 -3.35 -13.29
N GLY A 100 13.75 -3.83 -12.07
CA GLY A 100 12.67 -4.41 -11.30
C GLY A 100 12.68 -3.88 -9.88
N ALA A 101 11.52 -3.89 -9.23
CA ALA A 101 11.44 -3.38 -7.86
C ALA A 101 11.80 -4.43 -6.82
N CYS A 102 11.71 -5.71 -7.19
CA CYS A 102 12.00 -6.79 -6.24
C CYS A 102 13.33 -7.51 -6.46
N HIS A 103 14.02 -7.83 -5.38
CA HIS A 103 15.30 -8.50 -5.46
C HIS A 103 15.21 -9.97 -5.89
N THR A 104 14.00 -10.47 -6.08
CA THR A 104 13.81 -11.84 -6.54
C THR A 104 13.97 -11.80 -8.06
N GLY A 105 14.00 -10.58 -8.61
CA GLY A 105 14.13 -10.41 -10.04
C GLY A 105 12.84 -10.00 -10.69
N TYR A 106 11.72 -10.17 -9.99
CA TYR A 106 10.43 -9.80 -10.55
C TYR A 106 10.20 -8.29 -10.59
N ARG A 107 9.37 -7.87 -11.53
CA ARG A 107 9.04 -6.46 -11.72
C ARG A 107 8.45 -5.85 -10.46
N SER A 108 7.52 -6.58 -9.84
CA SER A 108 6.87 -6.13 -8.61
C SER A 108 7.08 -7.13 -7.48
N CYS A 109 7.08 -6.62 -6.24
CA CYS A 109 7.23 -7.51 -5.09
C CYS A 109 6.01 -8.41 -5.04
N PHE A 110 4.89 -7.86 -5.50
CA PHE A 110 3.64 -8.60 -5.49
C PHE A 110 3.46 -9.48 -6.73
N TYR A 111 4.41 -10.38 -6.95
CA TYR A 111 4.38 -11.26 -8.10
C TYR A 111 3.62 -12.57 -7.88
N ARG A 112 3.02 -12.72 -6.71
CA ARG A 112 2.24 -13.91 -6.37
C ARG A 112 0.86 -13.51 -5.83
N SER A 113 -0.10 -14.41 -5.97
CA SER A 113 -1.43 -14.18 -5.46
C SER A 113 -1.92 -15.43 -4.76
N ILE A 114 -2.90 -15.28 -3.87
CA ILE A 114 -3.46 -16.42 -3.18
C ILE A 114 -4.37 -17.11 -4.18
N ASP A 115 -4.02 -18.33 -4.56
CA ASP A 115 -4.82 -19.07 -5.52
C ASP A 115 -5.45 -20.27 -4.81
N GLY A 116 -6.53 -20.01 -4.09
CA GLY A 116 -7.22 -21.08 -3.39
C GLY A 116 -6.65 -21.37 -2.01
N ASP A 117 -5.50 -22.05 -1.96
CA ASP A 117 -4.90 -22.39 -0.69
C ASP A 117 -3.38 -22.24 -0.68
N GLU A 118 -2.81 -21.75 -1.77
CA GLU A 118 -1.36 -21.56 -1.84
C GLU A 118 -0.96 -20.22 -2.43
N LEU A 119 0.33 -19.92 -2.38
CA LEU A 119 0.86 -18.67 -2.92
C LEU A 119 1.52 -19.01 -4.25
N LYS A 120 0.85 -18.69 -5.35
CA LYS A 120 1.40 -19.02 -6.66
C LYS A 120 1.76 -17.82 -7.51
N VAL A 121 2.83 -17.95 -8.29
CA VAL A 121 3.28 -16.89 -9.16
C VAL A 121 2.14 -16.52 -10.11
N ARG A 122 1.90 -15.23 -10.28
CA ARG A 122 0.85 -14.73 -11.16
C ARG A 122 1.24 -14.92 -12.62
N GLU A 123 0.26 -15.20 -13.47
CA GLU A 123 0.57 -15.38 -14.89
C GLU A 123 0.99 -14.07 -15.54
N ASP A 124 0.67 -12.95 -14.89
CA ASP A 124 1.04 -11.65 -15.42
C ASP A 124 2.34 -11.17 -14.78
N ALA A 125 2.95 -12.03 -13.97
CA ALA A 125 4.21 -11.71 -13.31
C ALA A 125 5.32 -11.82 -14.32
N VAL A 126 6.17 -10.80 -14.38
CA VAL A 126 7.29 -10.79 -15.32
C VAL A 126 8.61 -10.68 -14.58
N LYS A 127 9.50 -11.64 -14.81
CA LYS A 127 10.80 -11.62 -14.18
C LYS A 127 11.75 -10.79 -15.04
N VAL A 128 11.98 -9.55 -14.62
CA VAL A 128 12.84 -8.63 -15.34
C VAL A 128 14.30 -9.09 -15.42
N PHE A 129 14.86 -9.46 -14.29
CA PHE A 129 16.26 -9.91 -14.25
C PHE A 129 16.44 -11.14 -13.38
N ASP A 130 17.63 -11.73 -13.44
CA ASP A 130 17.94 -12.92 -12.65
C ASP A 130 19.01 -12.55 -11.62
N PRO A 131 18.65 -12.59 -10.33
CA PRO A 131 19.57 -12.26 -9.25
C PRO A 131 20.76 -13.23 -9.16
N SER B 4 -9.37 -24.57 4.77
CA SER B 4 -10.18 -23.51 4.10
C SER B 4 -9.30 -22.44 3.48
N LYS B 5 -9.90 -21.59 2.65
CA LYS B 5 -9.18 -20.51 1.99
C LYS B 5 -8.56 -19.57 3.01
N GLY B 6 -9.33 -19.23 4.05
CA GLY B 6 -8.86 -18.34 5.07
C GLY B 6 -7.63 -18.83 5.83
N ASP B 7 -7.43 -20.14 5.86
CA ASP B 7 -6.30 -20.73 6.56
C ASP B 7 -4.94 -20.42 5.94
N VAL B 8 -4.94 -19.91 4.72
CA VAL B 8 -3.69 -19.57 4.05
C VAL B 8 -2.97 -18.48 4.85
N ASN B 9 -3.70 -17.83 5.74
CA ASN B 9 -3.12 -16.77 6.56
C ASN B 9 -1.87 -17.24 7.29
N ILE B 10 -1.77 -18.54 7.54
CA ILE B 10 -0.61 -19.07 8.25
C ILE B 10 0.67 -18.89 7.45
N LEU B 11 0.55 -18.74 6.13
CA LEU B 11 1.71 -18.57 5.27
C LEU B 11 2.22 -17.13 5.27
N LEU B 12 1.39 -16.19 5.71
CA LEU B 12 1.83 -14.80 5.74
C LEU B 12 2.47 -14.44 7.09
N ASN B 13 3.25 -13.36 7.07
CA ASN B 13 3.97 -12.92 8.26
C ASN B 13 3.47 -11.57 8.80
N PHE B 14 2.71 -11.63 9.89
CA PHE B 14 2.15 -10.44 10.52
C PHE B 14 3.20 -9.90 11.49
N ARG B 15 4.23 -9.27 10.94
CA ARG B 15 5.33 -8.77 11.75
C ARG B 15 5.40 -7.28 12.02
N HIS B 16 4.34 -6.54 11.72
CA HIS B 16 4.34 -5.12 12.01
C HIS B 16 3.50 -4.99 13.26
N ASN B 17 4.13 -4.70 14.38
CA ASN B 17 3.39 -4.58 15.62
C ASN B 17 3.01 -3.15 15.96
N ILE B 18 1.71 -2.92 16.07
CA ILE B 18 1.19 -1.61 16.43
C ILE B 18 0.30 -1.76 17.65
N ASN B 19 0.80 -1.31 18.79
CA ASN B 19 0.06 -1.38 20.04
C ASN B 19 -0.35 -2.79 20.45
N GLY B 20 0.54 -3.75 20.22
CA GLY B 20 0.26 -5.12 20.61
C GLY B 20 -0.36 -6.04 19.57
N GLU B 21 -0.84 -5.48 18.46
CA GLU B 21 -1.45 -6.30 17.43
C GLU B 21 -0.48 -6.53 16.29
N ASP B 22 -0.31 -7.79 15.90
CA ASP B 22 0.58 -8.18 14.82
C ASP B 22 -0.18 -7.93 13.51
N LEU B 23 0.43 -7.19 12.60
CA LEU B 23 -0.26 -6.84 11.38
C LEU B 23 0.52 -6.92 10.07
N ILE B 24 -0.22 -6.96 8.97
CA ILE B 24 0.36 -6.91 7.64
C ILE B 24 -0.23 -5.64 7.05
N ILE B 25 0.45 -5.07 6.07
CA ILE B 25 -0.01 -3.86 5.41
C ILE B 25 -0.88 -4.28 4.23
N ALA B 26 -2.04 -3.64 4.08
CA ALA B 26 -2.96 -3.96 2.99
C ALA B 26 -3.24 -2.75 2.12
N VAL B 27 -3.12 -2.92 0.81
CA VAL B 27 -3.39 -1.85 -0.14
C VAL B 27 -4.61 -2.25 -0.97
N ALA B 28 -5.65 -1.42 -0.94
CA ALA B 28 -6.86 -1.69 -1.72
C ALA B 28 -6.73 -0.98 -3.06
N GLN B 29 -6.90 -1.72 -4.14
CA GLN B 29 -6.77 -1.17 -5.50
C GLN B 29 -7.94 -1.56 -6.39
N ASP B 30 -8.45 -0.59 -7.16
CA ASP B 30 -9.57 -0.84 -8.07
C ASP B 30 -9.14 -1.91 -9.07
N HIS B 31 -9.88 -3.01 -9.13
CA HIS B 31 -9.51 -4.11 -10.01
C HIS B 31 -9.51 -3.79 -11.50
N GLU B 32 -10.26 -2.76 -11.90
CA GLU B 32 -10.27 -2.42 -13.32
C GLU B 32 -9.40 -1.21 -13.69
N THR B 33 -9.49 -0.14 -12.90
CA THR B 33 -8.70 1.06 -13.21
C THR B 33 -7.29 1.08 -12.65
N GLY B 34 -7.04 0.26 -11.62
CA GLY B 34 -5.72 0.20 -11.02
C GLY B 34 -5.44 1.30 -10.01
N GLU B 35 -6.41 2.17 -9.79
CA GLU B 35 -6.22 3.27 -8.83
C GLU B 35 -6.15 2.75 -7.40
N VAL B 36 -5.17 3.23 -6.64
CA VAL B 36 -5.04 2.82 -5.25
C VAL B 36 -6.11 3.59 -4.47
N LEU B 37 -7.01 2.84 -3.84
CA LEU B 37 -8.11 3.41 -3.09
C LEU B 37 -7.82 3.73 -1.63
N MET B 38 -7.01 2.90 -0.98
CA MET B 38 -6.69 3.14 0.42
C MET B 38 -5.61 2.19 0.93
N VAL B 39 -5.00 2.56 2.04
CA VAL B 39 -3.99 1.75 2.69
C VAL B 39 -4.44 1.56 4.13
N ALA B 40 -4.33 0.33 4.63
CA ALA B 40 -4.73 0.03 6.00
C ALA B 40 -4.01 -1.23 6.46
N TYR B 41 -4.22 -1.60 7.71
CA TYR B 41 -3.59 -2.80 8.25
C TYR B 41 -4.62 -3.91 8.39
N MET B 42 -4.12 -5.13 8.54
CA MET B 42 -4.97 -6.30 8.76
C MET B 42 -4.26 -7.16 9.79
N ASN B 43 -5.02 -7.69 10.75
CA ASN B 43 -4.41 -8.59 11.71
C ASN B 43 -4.78 -9.95 11.14
N ARG B 44 -4.40 -11.03 11.81
CA ARG B 44 -4.70 -12.36 11.28
C ARG B 44 -6.17 -12.59 11.00
N GLU B 45 -7.02 -12.24 11.96
CA GLU B 45 -8.46 -12.45 11.80
C GLU B 45 -9.07 -11.66 10.64
N ALA B 46 -8.61 -10.44 10.44
CA ALA B 46 -9.12 -9.61 9.35
C ALA B 46 -8.81 -10.24 8.00
N LEU B 47 -7.60 -10.79 7.86
CA LEU B 47 -7.24 -11.42 6.60
C LEU B 47 -8.07 -12.68 6.42
N ARG B 48 -8.18 -13.48 7.47
CA ARG B 48 -8.95 -14.72 7.39
C ARG B 48 -10.39 -14.46 6.98
N ARG B 49 -11.02 -13.45 7.57
CA ARG B 49 -12.41 -13.15 7.24
C ARG B 49 -12.53 -12.60 5.84
N THR B 50 -11.51 -11.87 5.41
CA THR B 50 -11.53 -11.31 4.06
C THR B 50 -11.52 -12.45 3.05
N LEU B 51 -10.68 -13.44 3.30
CA LEU B 51 -10.58 -14.59 2.41
C LEU B 51 -11.84 -15.46 2.48
N GLU B 52 -12.45 -15.54 3.66
CA GLU B 52 -13.65 -16.33 3.83
C GLU B 52 -14.87 -15.74 3.12
N THR B 53 -15.08 -14.44 3.28
CA THR B 53 -16.25 -13.78 2.68
C THR B 53 -16.02 -13.15 1.31
N GLY B 54 -14.77 -12.84 0.99
CA GLY B 54 -14.50 -12.20 -0.30
C GLY B 54 -14.82 -10.72 -0.21
N THR B 55 -14.87 -10.20 1.02
CA THR B 55 -15.14 -8.78 1.26
C THR B 55 -14.04 -8.28 2.21
N ALA B 56 -13.54 -7.08 1.95
CA ALA B 56 -12.44 -6.53 2.74
C ALA B 56 -12.71 -6.19 4.20
N HIS B 57 -11.88 -6.77 5.07
CA HIS B 57 -11.93 -6.55 6.52
C HIS B 57 -10.55 -5.99 6.90
N TYR B 58 -10.51 -5.00 7.75
CA TYR B 58 -9.26 -4.39 8.18
C TYR B 58 -9.19 -4.31 9.70
N TRP B 59 -8.03 -3.93 10.21
CA TRP B 59 -7.84 -3.76 11.64
C TRP B 59 -7.64 -2.28 11.89
N SER B 60 -8.50 -1.70 12.72
CA SER B 60 -8.40 -0.29 13.05
C SER B 60 -7.49 -0.10 14.26
N THR B 61 -6.38 0.59 14.06
CA THR B 61 -5.42 0.83 15.14
C THR B 61 -5.97 1.85 16.13
N SER B 62 -6.76 2.80 15.62
CA SER B 62 -7.36 3.83 16.46
C SER B 62 -8.56 3.28 17.21
N ARG B 63 -9.33 2.42 16.55
CA ARG B 63 -10.50 1.83 17.17
C ARG B 63 -10.18 0.54 17.91
N GLY B 64 -8.99 0.00 17.66
CA GLY B 64 -8.57 -1.21 18.33
C GLY B 64 -9.42 -2.45 18.09
N LYS B 65 -9.85 -2.65 16.86
CA LYS B 65 -10.67 -3.80 16.52
C LYS B 65 -10.76 -3.93 15.01
N LEU B 66 -11.06 -5.13 14.52
CA LEU B 66 -11.18 -5.32 13.10
C LEU B 66 -12.56 -4.83 12.68
N TRP B 67 -12.69 -4.37 11.44
CA TRP B 67 -13.98 -3.91 10.97
C TRP B 67 -14.14 -4.19 9.49
N LEU B 68 -15.39 -4.42 9.09
CA LEU B 68 -15.72 -4.70 7.71
C LEU B 68 -15.82 -3.36 6.99
N LYS B 69 -15.06 -3.20 5.91
CA LYS B 69 -15.13 -1.93 5.18
C LYS B 69 -16.55 -1.78 4.65
N GLY B 70 -17.19 -0.67 5.02
CA GLY B 70 -18.55 -0.42 4.57
C GLY B 70 -19.57 -0.86 5.62
N GLU B 71 -19.08 -1.22 6.81
CA GLU B 71 -19.91 -1.67 7.91
C GLU B 71 -21.08 -0.73 8.19
N SER B 72 -20.84 0.57 8.03
CA SER B 72 -21.87 1.57 8.27
C SER B 72 -22.39 2.26 7.01
N SER B 73 -21.52 2.47 6.04
CA SER B 73 -21.88 3.14 4.80
C SER B 73 -22.42 2.26 3.69
N GLY B 74 -22.11 0.96 3.76
CA GLY B 74 -22.55 0.04 2.72
C GLY B 74 -21.56 0.07 1.58
N HIS B 75 -20.48 0.83 1.77
CA HIS B 75 -19.44 0.94 0.76
C HIS B 75 -18.42 -0.20 0.90
N VAL B 76 -18.92 -1.41 0.72
CA VAL B 76 -18.08 -2.60 0.84
C VAL B 76 -17.12 -2.74 -0.34
N GLN B 77 -16.10 -3.56 -0.15
CA GLN B 77 -15.11 -3.81 -1.17
C GLN B 77 -15.09 -5.31 -1.45
N ARG B 78 -15.57 -5.68 -2.63
CA ARG B 78 -15.60 -7.07 -3.04
C ARG B 78 -14.23 -7.43 -3.60
N VAL B 79 -13.56 -8.34 -2.91
CA VAL B 79 -12.22 -8.77 -3.28
C VAL B 79 -12.19 -9.76 -4.43
N LYS B 80 -11.47 -9.39 -5.50
CA LYS B 80 -11.37 -10.22 -6.68
C LYS B 80 -10.04 -10.97 -6.75
N ASP B 81 -9.01 -10.44 -6.11
CA ASP B 81 -7.70 -11.07 -6.12
C ASP B 81 -6.91 -10.54 -4.92
N VAL B 82 -6.02 -11.37 -4.38
CA VAL B 82 -5.19 -10.95 -3.26
C VAL B 82 -3.73 -11.23 -3.61
N LEU B 83 -2.98 -10.17 -3.86
CA LEU B 83 -1.56 -10.30 -4.21
C LEU B 83 -0.75 -10.25 -2.93
N VAL B 84 0.34 -11.02 -2.89
CA VAL B 84 1.17 -11.07 -1.69
C VAL B 84 2.61 -10.61 -1.92
N ASP B 85 3.14 -9.88 -0.93
CA ASP B 85 4.50 -9.34 -0.96
C ASP B 85 5.51 -10.49 -0.98
N CYS B 86 6.73 -10.19 -1.44
CA CYS B 86 7.78 -11.21 -1.52
C CYS B 86 8.09 -11.84 -0.16
N ASP B 87 7.93 -11.05 0.90
CA ASP B 87 8.19 -11.52 2.26
C ASP B 87 6.90 -11.88 3.00
N GLY B 88 5.78 -11.82 2.28
CA GLY B 88 4.50 -12.17 2.86
C GLY B 88 3.95 -11.33 4.00
N ASP B 89 4.40 -10.08 4.13
CA ASP B 89 3.90 -9.23 5.21
C ASP B 89 3.07 -8.04 4.73
N ALA B 90 2.60 -8.12 3.50
CA ALA B 90 1.76 -7.08 2.93
C ALA B 90 1.00 -7.69 1.76
N VAL B 91 -0.16 -7.13 1.46
CA VAL B 91 -0.98 -7.63 0.36
C VAL B 91 -1.63 -6.48 -0.40
N VAL B 92 -2.01 -6.76 -1.64
CA VAL B 92 -2.71 -5.80 -2.47
C VAL B 92 -4.04 -6.49 -2.75
N LEU B 93 -5.14 -5.81 -2.45
CA LEU B 93 -6.46 -6.37 -2.69
C LEU B 93 -7.03 -5.71 -3.92
N LYS B 94 -7.27 -6.49 -4.97
CA LYS B 94 -7.88 -5.98 -6.18
C LYS B 94 -9.36 -6.02 -5.82
N VAL B 95 -10.02 -4.87 -5.82
CA VAL B 95 -11.41 -4.86 -5.43
C VAL B 95 -12.38 -4.13 -6.33
N GLU B 96 -13.65 -4.40 -6.08
CA GLU B 96 -14.75 -3.75 -6.76
C GLU B 96 -15.27 -2.88 -5.61
N GLN B 97 -15.13 -1.57 -5.76
CA GLN B 97 -15.54 -0.65 -4.70
C GLN B 97 -16.95 -0.11 -4.83
N GLU B 98 -17.76 -0.36 -3.80
CA GLU B 98 -19.13 0.16 -3.78
C GLU B 98 -19.03 1.56 -3.21
N GLY B 99 -19.63 2.53 -3.88
CA GLY B 99 -19.58 3.90 -3.40
C GLY B 99 -18.15 4.43 -3.43
N GLY B 100 -17.69 4.99 -2.31
CA GLY B 100 -16.34 5.51 -2.23
C GLY B 100 -15.58 4.87 -1.09
N ALA B 101 -14.27 4.78 -1.22
CA ALA B 101 -13.43 4.18 -0.19
C ALA B 101 -13.17 5.13 0.98
N CYS B 102 -13.30 6.43 0.72
CA CYS B 102 -13.04 7.43 1.74
C CYS B 102 -14.30 8.05 2.34
N HIS B 103 -14.28 8.28 3.63
CA HIS B 103 -15.43 8.85 4.33
C HIS B 103 -15.70 10.30 3.93
N THR B 104 -14.74 10.93 3.26
CA THR B 104 -14.90 12.31 2.82
C THR B 104 -15.84 12.37 1.63
N GLY B 105 -16.02 11.23 0.98
CA GLY B 105 -16.89 11.17 -0.18
C GLY B 105 -16.13 10.81 -1.45
N TYR B 106 -14.81 10.98 -1.43
CA TYR B 106 -14.01 10.65 -2.60
C TYR B 106 -13.89 9.15 -2.79
N ARG B 107 -13.76 8.73 -4.04
CA ARG B 107 -13.63 7.32 -4.36
C ARG B 107 -12.36 6.74 -3.73
N SER B 108 -11.31 7.55 -3.72
CA SER B 108 -10.03 7.14 -3.16
C SER B 108 -9.60 8.07 -2.03
N CYS B 109 -8.92 7.51 -1.04
CA CYS B 109 -8.43 8.31 0.08
C CYS B 109 -7.35 9.25 -0.43
N PHE B 110 -6.70 8.86 -1.51
CA PHE B 110 -5.63 9.66 -2.10
C PHE B 110 -6.17 10.65 -3.11
N TYR B 111 -6.97 11.59 -2.62
CA TYR B 111 -7.58 12.62 -3.48
C TYR B 111 -6.78 13.91 -3.49
N ARG B 112 -5.62 13.90 -2.83
CA ARG B 112 -4.75 15.07 -2.77
C ARG B 112 -3.35 14.67 -3.26
N SER B 113 -2.59 15.66 -3.73
CA SER B 113 -1.24 15.41 -4.20
C SER B 113 -0.34 16.57 -3.82
N ILE B 114 0.95 16.31 -3.71
CA ILE B 114 1.92 17.33 -3.35
C ILE B 114 2.14 18.29 -4.51
N ASP B 115 1.83 19.57 -4.30
CA ASP B 115 2.01 20.58 -5.33
C ASP B 115 2.90 21.68 -4.76
N GLY B 116 4.20 21.59 -5.04
CA GLY B 116 5.14 22.57 -4.54
C GLY B 116 5.35 22.39 -3.06
N ASP B 117 4.74 23.26 -2.26
CA ASP B 117 4.87 23.19 -0.81
C ASP B 117 3.50 23.03 -0.17
N GLU B 118 2.50 22.69 -0.99
CA GLU B 118 1.14 22.51 -0.50
C GLU B 118 0.51 21.21 -0.97
N LEU B 119 -0.61 20.85 -0.35
CA LEU B 119 -1.35 19.64 -0.70
C LEU B 119 -2.69 20.09 -1.27
N LYS B 120 -2.92 19.85 -2.55
CA LYS B 120 -4.16 20.26 -3.19
C LYS B 120 -4.98 19.08 -3.70
N VAL B 121 -6.29 19.25 -3.73
CA VAL B 121 -7.18 18.20 -4.22
C VAL B 121 -6.94 18.04 -5.71
N ARG B 122 -6.73 16.81 -6.16
CA ARG B 122 -6.50 16.56 -7.58
C ARG B 122 -7.74 16.95 -8.36
N GLU B 123 -7.56 17.52 -9.55
CA GLU B 123 -8.69 17.94 -10.37
C GLU B 123 -9.41 16.78 -11.05
N ASP B 124 -8.81 15.61 -11.04
CA ASP B 124 -9.41 14.43 -11.65
C ASP B 124 -9.98 13.50 -10.59
N ALA B 125 -9.96 13.95 -9.33
CA ALA B 125 -10.49 13.15 -8.23
C ALA B 125 -12.01 13.17 -8.34
N VAL B 126 -12.66 12.12 -7.84
CA VAL B 126 -14.11 12.05 -7.93
C VAL B 126 -14.80 11.88 -6.57
N LYS B 127 -15.62 12.87 -6.21
CA LYS B 127 -16.35 12.79 -4.95
C LYS B 127 -17.65 12.03 -5.24
N VAL B 128 -17.59 10.72 -5.01
CA VAL B 128 -18.72 9.83 -5.26
C VAL B 128 -19.97 10.10 -4.44
N PHE B 129 -19.81 10.58 -3.22
CA PHE B 129 -20.96 10.85 -2.36
C PHE B 129 -20.66 11.97 -1.38
N ASP B 130 -21.71 12.55 -0.79
CA ASP B 130 -21.54 13.63 0.17
C ASP B 130 -21.88 13.14 1.56
N PRO B 131 -20.90 13.17 2.48
CA PRO B 131 -21.09 12.72 3.86
C PRO B 131 -22.15 13.53 4.60
CD CD C . -4.18 6.81 6.61
CD CD D . -7.10 6.24 4.13
CD CD E . 20.27 9.75 -1.33
CD CD F . -2.98 5.14 9.84
CD CD G . 4.29 -7.02 -12.89
CD CD H . 19.29 -4.24 -14.10
CD CD I . 10.59 -7.71 -3.01
CD CD J . 17.36 17.63 2.96
CD CD K . 7.64 10.02 17.86
C ACY L . 12.69 -6.06 -1.94
O ACY L . 11.78 -6.32 -1.16
OXT ACY L . 12.81 -6.45 -3.17
CH3 ACY L . 13.78 -5.20 -1.33
C ACY M . 10.19 -3.73 0.39
O ACY M . 9.50 -3.61 1.41
OXT ACY M . 9.77 -3.78 -0.84
CH3 ACY M . 11.67 -3.83 0.67
CD CD N . -16.85 -17.64 9.57
CD CD O . -17.38 -9.97 8.48
CD CD P . 8.39 -5.79 -0.91
CD CD Q . 7.35 -5.12 6.39
CD CD R . 7.35 -6.55 2.85
CD CD S . -9.72 10.16 7.05
CD CD T . -23.36 5.31 -0.73
CD CD U . -10.29 8.42 -8.46
CD CD V . -5.56 -9.40 18.81
CD CD W . -10.04 8.23 3.61
C ACY X . -19.80 -10.09 7.32
O ACY X . -18.91 -9.73 6.55
OXT ACY X . -19.68 -10.40 8.58
CH3 ACY X . -21.16 -10.18 6.65
C ACY Y . -17.07 -8.60 10.71
O ACY Y . -17.76 -8.02 9.87
OXT ACY Y . -16.49 -9.77 10.60
CH3 ACY Y . -16.92 -7.83 12.03
C ACY Z . 9.73 -5.65 7.37
O ACY Z . 8.83 -5.54 8.21
OXT ACY Z . 9.65 -5.49 6.08
CH3 ACY Z . 11.08 -6.00 7.99
#